data_1A51
#
_entry.id   1A51
#
_cell.length_a   1.000
_cell.length_b   1.000
_cell.length_c   1.000
_cell.angle_alpha   90.00
_cell.angle_beta   90.00
_cell.angle_gamma   90.00
#
_symmetry.space_group_name_H-M   'P 1'
#
_entity_poly.entity_id   1
_entity_poly.type   'polyribonucleotide'
_entity_poly.pdbx_seq_one_letter_code
;GGCCGAUGGUAGUGUGGGGUCUCCCCAUGCGAGAGUAGGCC
;
_entity_poly.pdbx_strand_id   A
#
loop_
_chem_comp.id
_chem_comp.type
_chem_comp.name
_chem_comp.formula
A RNA linking ADENOSINE-5'-MONOPHOSPHATE 'C10 H14 N5 O7 P'
C RNA linking CYTIDINE-5'-MONOPHOSPHATE 'C9 H14 N3 O8 P'
G RNA linking GUANOSINE-5'-MONOPHOSPHATE 'C10 H14 N5 O8 P'
U RNA linking URIDINE-5'-MONOPHOSPHATE 'C9 H13 N2 O9 P'
#